data_5F46
#
_entry.id   5F46
#
_cell.length_a   54.850
_cell.length_b   61.807
_cell.length_c   114.830
_cell.angle_alpha   90.00
_cell.angle_beta   90.00
_cell.angle_gamma   90.00
#
_symmetry.space_group_name_H-M   'P 21 21 21'
#
loop_
_entity.id
_entity.type
_entity.pdbx_description
1 polymer 'aminoglycoside acetyltransferase meta-AAC0020'
2 non-polymer 'CHLORIDE ION'
3 water water
#
_entity_poly.entity_id   1
_entity_poly.type   'polypeptide(L)'
_entity_poly.pdbx_seq_one_letter_code
;MGQNMEIDNFLKIERLAENDLPKFIQLIRLFEAVFEMKNFSIPDSEHLQKLLNQNNFYVFVALLENKIVGGLTSYVLEQY
YSEKPLAYIYDLAVDTNWQRQGIGKKLITATNQFYTEKGFEEVFVQADKVDDYALDFYRSTKPTAEEQVVHFYYTLK
;
_entity_poly.pdbx_strand_id   A,B
#
# COMPACT_ATOMS: atom_id res chain seq x y z
N ASP A 8 8.56 -25.31 -15.30
CA ASP A 8 9.74 -25.75 -16.03
C ASP A 8 10.91 -25.90 -15.03
N ASN A 9 11.99 -26.54 -15.47
CA ASN A 9 13.13 -26.83 -14.61
C ASN A 9 14.27 -25.82 -14.78
N PHE A 10 14.17 -25.03 -15.84
CA PHE A 10 15.18 -24.05 -16.22
C PHE A 10 14.89 -22.71 -15.54
N LEU A 11 13.61 -22.37 -15.46
CA LEU A 11 13.16 -21.15 -14.80
C LEU A 11 13.52 -21.14 -13.31
N LYS A 12 13.94 -19.98 -12.81
CA LYS A 12 14.34 -19.86 -11.42
C LYS A 12 13.78 -18.59 -10.77
N ILE A 13 13.18 -18.75 -9.59
CA ILE A 13 12.68 -17.61 -8.83
C ILE A 13 13.71 -17.18 -7.80
N GLU A 14 14.08 -15.89 -7.83
CA GLU A 14 15.08 -15.36 -6.91
C GLU A 14 14.63 -14.04 -6.30
N ARG A 15 15.02 -13.81 -5.05
CA ARG A 15 14.80 -12.53 -4.38
C ARG A 15 16.04 -11.66 -4.49
N LEU A 16 15.87 -10.41 -4.92
CA LEU A 16 17.00 -9.51 -5.12
C LEU A 16 17.61 -9.03 -3.81
N ALA A 17 18.89 -8.67 -3.86
CA ALA A 17 19.59 -8.14 -2.70
C ALA A 17 20.33 -6.85 -3.03
N GLU A 18 21.29 -6.48 -2.18
CA GLU A 18 21.99 -5.21 -2.30
C GLU A 18 22.72 -5.03 -3.63
N ASN A 19 23.48 -6.06 -4.02
CA ASN A 19 24.27 -5.98 -5.25
C ASN A 19 23.50 -6.44 -6.48
N ASP A 20 22.17 -6.37 -6.42
CA ASP A 20 21.33 -6.81 -7.52
C ASP A 20 20.65 -5.67 -8.27
N LEU A 21 21.28 -4.49 -8.25
CA LEU A 21 20.74 -3.34 -8.98
C LEU A 21 20.55 -3.61 -10.49
N PRO A 22 21.52 -4.27 -11.16
CA PRO A 22 21.26 -4.53 -12.60
C PRO A 22 20.01 -5.38 -12.87
N LYS A 23 19.75 -6.38 -12.05
CA LYS A 23 18.53 -7.17 -12.20
C LYS A 23 17.29 -6.33 -11.89
N PHE A 24 17.42 -5.44 -10.91
CA PHE A 24 16.32 -4.54 -10.54
C PHE A 24 15.95 -3.66 -11.73
N ILE A 25 16.97 -3.09 -12.37
CA ILE A 25 16.76 -2.22 -13.51
C ILE A 25 16.14 -3.02 -14.67
N GLN A 26 16.56 -4.26 -14.81
CA GLN A 26 16.02 -5.12 -15.85
C GLN A 26 14.53 -5.35 -15.62
N LEU A 27 14.13 -5.55 -14.37
CA LEU A 27 12.72 -5.72 -14.05
C LEU A 27 11.94 -4.44 -14.32
N ILE A 28 12.51 -3.29 -13.96
CA ILE A 28 11.87 -2.02 -14.20
C ILE A 28 11.64 -1.82 -15.71
N ARG A 29 12.64 -2.21 -16.50
CA ARG A 29 12.52 -2.14 -17.96
C ARG A 29 11.41 -3.05 -18.46
N LEU A 30 11.23 -4.20 -17.81
CA LEU A 30 10.14 -5.10 -18.15
C LEU A 30 8.82 -4.44 -17.83
N PHE A 31 8.72 -3.83 -16.64
CA PHE A 31 7.53 -3.09 -16.26
C PHE A 31 7.19 -2.02 -17.30
N GLU A 32 8.20 -1.26 -17.73
CA GLU A 32 8.03 -0.24 -18.77
C GLU A 32 7.40 -0.83 -20.02
N ALA A 33 7.87 -2.01 -20.39
CA ALA A 33 7.40 -2.67 -21.61
C ALA A 33 5.98 -3.20 -21.45
N VAL A 34 5.79 -4.10 -20.50
CA VAL A 34 4.50 -4.76 -20.30
C VAL A 34 3.38 -3.78 -19.96
N PHE A 35 3.66 -2.81 -19.09
CA PHE A 35 2.65 -1.84 -18.70
C PHE A 35 2.44 -0.77 -19.77
N GLU A 36 3.30 -0.80 -20.79
CA GLU A 36 3.23 0.14 -21.90
C GLU A 36 3.30 1.59 -21.41
N MET A 37 4.29 1.87 -20.57
CA MET A 37 4.47 3.21 -20.03
CA MET A 37 4.49 3.20 -20.02
C MET A 37 5.06 4.14 -21.07
N LYS A 38 4.50 5.35 -21.15
CA LYS A 38 4.94 6.32 -22.15
C LYS A 38 5.91 7.34 -21.56
N ASN A 39 6.87 7.77 -22.38
CA ASN A 39 7.84 8.79 -22.01
C ASN A 39 8.50 8.55 -20.65
N PHE A 40 8.83 7.29 -20.37
CA PHE A 40 9.40 6.93 -19.08
C PHE A 40 10.89 7.28 -18.99
N SER A 41 11.26 7.93 -17.90
CA SER A 41 12.67 8.21 -17.62
C SER A 41 13.05 7.56 -16.31
N ILE A 42 13.91 6.55 -16.38
CA ILE A 42 14.27 5.78 -15.19
C ILE A 42 15.04 6.67 -14.21
N PRO A 43 14.77 6.52 -12.91
CA PRO A 43 15.51 7.33 -11.93
C PRO A 43 16.98 6.96 -11.87
N ASP A 44 17.80 7.84 -11.31
CA ASP A 44 19.22 7.58 -11.13
C ASP A 44 19.44 6.30 -10.33
N SER A 45 20.59 5.67 -10.57
CA SER A 45 20.89 4.40 -9.93
C SER A 45 21.11 4.58 -8.42
N GLU A 46 21.55 5.77 -8.04
CA GLU A 46 21.72 6.11 -6.63
C GLU A 46 20.39 5.93 -5.89
N HIS A 47 19.32 6.45 -6.48
CA HIS A 47 18.00 6.35 -5.88
C HIS A 47 17.53 4.90 -5.84
N LEU A 48 17.66 4.21 -6.97
CA LEU A 48 17.22 2.82 -7.07
C LEU A 48 17.99 1.91 -6.12
N GLN A 49 19.28 2.20 -5.93
CA GLN A 49 20.10 1.41 -5.02
C GLN A 49 19.62 1.54 -3.58
N LYS A 50 19.29 2.77 -3.18
CA LYS A 50 18.89 3.01 -1.80
C LYS A 50 17.54 2.35 -1.54
N LEU A 51 16.65 2.42 -2.53
CA LEU A 51 15.36 1.72 -2.43
C LEU A 51 15.54 0.21 -2.30
N LEU A 52 16.44 -0.35 -3.10
CA LEU A 52 16.70 -1.78 -3.06
C LEU A 52 17.22 -2.19 -1.68
N ASN A 53 17.91 -1.27 -1.02
CA ASN A 53 18.48 -1.51 0.31
C ASN A 53 17.49 -1.36 1.47
N GLN A 54 16.28 -0.87 1.18
CA GLN A 54 15.28 -0.67 2.24
C GLN A 54 14.78 -2.00 2.78
N ASN A 55 14.64 -2.10 4.10
CA ASN A 55 14.22 -3.36 4.71
C ASN A 55 12.70 -3.53 4.69
N ASN A 56 12.01 -2.62 4.02
CA ASN A 56 10.56 -2.70 3.88
C ASN A 56 10.16 -2.85 2.43
N PHE A 57 11.12 -3.28 1.59
CA PHE A 57 10.92 -3.39 0.16
C PHE A 57 11.64 -4.65 -0.35
N TYR A 58 10.91 -5.53 -1.02
CA TYR A 58 11.49 -6.78 -1.50
C TYR A 58 11.03 -7.09 -2.91
N VAL A 59 12.00 -7.47 -3.74
CA VAL A 59 11.75 -7.71 -5.16
C VAL A 59 12.02 -9.17 -5.50
N PHE A 60 11.08 -9.77 -6.21
CA PHE A 60 11.19 -11.14 -6.65
C PHE A 60 11.21 -11.17 -8.17
N VAL A 61 12.11 -11.94 -8.75
CA VAL A 61 12.14 -12.06 -10.20
C VAL A 61 12.13 -13.50 -10.65
N ALA A 62 11.69 -13.71 -11.90
CA ALA A 62 11.77 -15.02 -12.53
C ALA A 62 12.85 -14.96 -13.60
N LEU A 63 13.79 -15.89 -13.55
CA LEU A 63 14.96 -15.84 -14.43
C LEU A 63 15.06 -17.03 -15.36
N LEU A 64 15.43 -16.75 -16.61
CA LEU A 64 15.90 -17.76 -17.55
C LEU A 64 17.36 -17.45 -17.85
N GLU A 65 18.28 -18.27 -17.34
CA GLU A 65 19.70 -17.94 -17.31
C GLU A 65 19.94 -16.54 -16.75
N ASN A 66 20.17 -15.59 -17.64
CA ASN A 66 20.44 -14.21 -17.25
C ASN A 66 19.25 -13.30 -17.50
N LYS A 67 18.20 -13.85 -18.11
CA LYS A 67 17.08 -13.04 -18.57
C LYS A 67 15.90 -13.04 -17.61
N ILE A 68 15.59 -11.86 -17.07
CA ILE A 68 14.38 -11.67 -16.27
C ILE A 68 13.15 -11.78 -17.18
N VAL A 69 12.30 -12.75 -16.89
CA VAL A 69 11.09 -12.96 -17.69
C VAL A 69 9.83 -12.61 -16.89
N GLY A 70 10.02 -12.19 -15.66
CA GLY A 70 8.91 -11.82 -14.80
C GLY A 70 9.39 -11.33 -13.45
N GLY A 71 8.53 -10.60 -12.74
CA GLY A 71 8.88 -10.14 -11.42
C GLY A 71 7.75 -9.44 -10.71
N LEU A 72 7.91 -9.29 -9.40
CA LEU A 72 6.97 -8.48 -8.63
C LEU A 72 7.73 -7.64 -7.62
N THR A 73 7.10 -6.55 -7.18
CA THR A 73 7.64 -5.73 -6.10
C THR A 73 6.66 -5.76 -4.95
N SER A 74 7.19 -5.66 -3.73
CA SER A 74 6.36 -5.76 -2.54
C SER A 74 6.86 -4.82 -1.46
N TYR A 75 5.92 -4.25 -0.72
CA TYR A 75 6.23 -3.35 0.37
C TYR A 75 5.75 -3.92 1.70
N VAL A 76 6.55 -3.75 2.74
CA VAL A 76 6.14 -4.16 4.08
C VAL A 76 5.37 -3.03 4.73
N LEU A 77 4.21 -3.35 5.30
CA LEU A 77 3.42 -2.39 6.05
C LEU A 77 3.28 -2.90 7.47
N GLU A 78 4.08 -2.36 8.38
CA GLU A 78 3.96 -2.71 9.79
C GLU A 78 2.59 -2.26 10.29
N GLN A 79 1.91 -3.14 11.02
CA GLN A 79 0.54 -2.90 11.48
C GLN A 79 0.45 -2.32 12.89
N TYR A 80 -0.63 -1.60 13.15
CA TYR A 80 -0.96 -1.19 14.52
C TYR A 80 -2.05 -2.07 15.11
N TYR A 81 -2.61 -2.96 14.31
CA TYR A 81 -3.62 -3.92 14.80
C TYR A 81 -2.99 -5.19 15.34
N SER A 82 -1.77 -5.46 14.89
CA SER A 82 -1.08 -6.71 15.18
C SER A 82 0.43 -6.52 15.09
N GLU A 83 1.19 -7.36 15.78
CA GLU A 83 2.65 -7.35 15.64
C GLU A 83 3.08 -8.13 14.40
N LYS A 84 2.11 -8.67 13.68
CA LYS A 84 2.36 -9.37 12.43
C LYS A 84 2.10 -8.42 11.28
N PRO A 85 3.14 -8.09 10.49
CA PRO A 85 3.01 -7.08 9.45
C PRO A 85 2.22 -7.54 8.23
N LEU A 86 1.91 -6.57 7.37
CA LEU A 86 1.31 -6.84 6.07
C LEU A 86 2.36 -6.68 4.99
N ALA A 87 2.16 -7.37 3.88
CA ALA A 87 2.95 -7.12 2.68
C ALA A 87 2.02 -6.73 1.54
N TYR A 88 2.41 -5.69 0.82
CA TYR A 88 1.64 -5.16 -0.28
C TYR A 88 2.40 -5.41 -1.58
N ILE A 89 1.86 -6.28 -2.45
CA ILE A 89 2.43 -6.47 -3.77
C ILE A 89 1.95 -5.33 -4.66
N TYR A 90 2.89 -4.53 -5.14
CA TYR A 90 2.54 -3.30 -5.85
C TYR A 90 2.45 -3.53 -7.36
N ASP A 91 3.52 -4.05 -7.93
CA ASP A 91 3.58 -4.41 -9.35
C ASP A 91 3.88 -5.88 -9.54
N LEU A 92 3.25 -6.48 -10.54
CA LEU A 92 3.57 -7.85 -10.95
C LEU A 92 3.40 -7.97 -12.46
N ALA A 93 4.45 -8.39 -13.14
CA ALA A 93 4.40 -8.52 -14.60
C ALA A 93 5.13 -9.76 -15.09
N VAL A 94 4.64 -10.31 -16.19
CA VAL A 94 5.29 -11.42 -16.88
C VAL A 94 5.48 -11.00 -18.34
N ASP A 95 6.69 -11.21 -18.86
CA ASP A 95 6.97 -10.93 -20.26
C ASP A 95 5.93 -11.59 -21.16
N THR A 96 5.43 -10.83 -22.14
CA THR A 96 4.34 -11.30 -22.99
C THR A 96 4.70 -12.54 -23.79
N ASN A 97 5.99 -12.77 -23.98
CA ASN A 97 6.48 -13.94 -24.70
C ASN A 97 6.56 -15.17 -23.79
N TRP A 98 6.28 -14.98 -22.51
CA TRP A 98 6.33 -16.08 -21.55
C TRP A 98 5.09 -16.08 -20.67
N GLN A 99 4.12 -15.23 -21.01
CA GLN A 99 2.86 -15.21 -20.30
C GLN A 99 2.24 -16.60 -20.34
N ARG A 100 1.81 -17.07 -19.17
CA ARG A 100 1.39 -18.45 -18.98
C ARG A 100 2.62 -19.35 -19.25
N GLN A 101 3.36 -19.63 -18.17
CA GLN A 101 4.35 -20.69 -18.08
C GLN A 101 4.37 -21.17 -16.62
N GLY A 102 3.43 -20.64 -15.85
CA GLY A 102 3.38 -20.89 -14.42
C GLY A 102 4.22 -19.88 -13.67
N ILE A 103 4.76 -18.90 -14.40
CA ILE A 103 5.67 -17.91 -13.84
C ILE A 103 5.06 -17.06 -12.73
N GLY A 104 3.90 -16.47 -13.01
CA GLY A 104 3.24 -15.62 -12.05
C GLY A 104 2.84 -16.37 -10.78
N LYS A 105 2.44 -17.62 -10.95
CA LYS A 105 2.09 -18.45 -9.80
C LYS A 105 3.33 -18.73 -8.95
N LYS A 106 4.44 -19.05 -9.62
CA LYS A 106 5.71 -19.30 -8.94
C LYS A 106 6.17 -18.08 -8.14
N LEU A 107 5.98 -16.89 -8.71
CA LEU A 107 6.33 -15.65 -8.03
C LEU A 107 5.47 -15.41 -6.79
N ILE A 108 4.16 -15.63 -6.93
CA ILE A 108 3.24 -15.46 -5.80
C ILE A 108 3.56 -16.45 -4.69
N THR A 109 3.76 -17.71 -5.06
CA THR A 109 4.09 -18.76 -4.10
C THR A 109 5.37 -18.45 -3.33
N ALA A 110 6.40 -18.01 -4.05
CA ALA A 110 7.66 -17.63 -3.43
C ALA A 110 7.48 -16.48 -2.47
N THR A 111 6.70 -15.49 -2.90
CA THR A 111 6.48 -14.27 -2.14
C THR A 111 5.71 -14.56 -0.85
N ASN A 112 4.64 -15.33 -0.96
CA ASN A 112 3.84 -15.65 0.21
C ASN A 112 4.60 -16.55 1.20
N GLN A 113 5.45 -17.42 0.68
CA GLN A 113 6.25 -18.28 1.55
C GLN A 113 7.29 -17.45 2.29
N PHE A 114 7.90 -16.50 1.59
CA PHE A 114 8.87 -15.58 2.18
C PHE A 114 8.27 -14.80 3.34
N TYR A 115 7.09 -14.23 3.13
CA TYR A 115 6.47 -13.44 4.19
C TYR A 115 5.88 -14.32 5.29
N THR A 116 5.55 -15.56 4.96
CA THR A 116 5.09 -16.52 5.98
C THR A 116 6.24 -16.80 6.96
N GLU A 117 7.43 -17.02 6.42
CA GLU A 117 8.62 -17.29 7.22
C GLU A 117 8.95 -16.11 8.15
N LYS A 118 8.57 -14.90 7.73
CA LYS A 118 8.84 -13.70 8.52
C LYS A 118 7.72 -13.39 9.50
N GLY A 119 6.71 -14.25 9.54
CA GLY A 119 5.65 -14.14 10.52
C GLY A 119 4.60 -13.08 10.18
N PHE A 120 4.48 -12.76 8.90
CA PHE A 120 3.48 -11.78 8.47
C PHE A 120 2.07 -12.34 8.60
N GLU A 121 1.08 -11.45 8.71
CA GLU A 121 -0.30 -11.88 8.83
C GLU A 121 -0.94 -12.16 7.46
N GLU A 122 -0.58 -11.34 6.48
CA GLU A 122 -1.31 -11.29 5.22
C GLU A 122 -0.52 -10.60 4.11
N VAL A 123 -0.67 -11.11 2.90
CA VAL A 123 -0.17 -10.47 1.69
C VAL A 123 -1.36 -10.08 0.84
N PHE A 124 -1.37 -8.86 0.30
CA PHE A 124 -2.46 -8.48 -0.60
C PHE A 124 -1.97 -7.77 -1.85
N VAL A 125 -2.87 -7.63 -2.82
CA VAL A 125 -2.50 -7.15 -4.15
C VAL A 125 -3.76 -6.69 -4.89
N GLN A 126 -3.62 -5.68 -5.75
CA GLN A 126 -4.77 -5.17 -6.50
C GLN A 126 -4.63 -5.44 -7.99
N ALA A 127 -5.76 -5.66 -8.66
CA ALA A 127 -5.79 -5.77 -10.11
C ALA A 127 -6.96 -4.95 -10.64
N ASP A 128 -6.78 -4.38 -11.83
CA ASP A 128 -7.81 -3.53 -12.40
C ASP A 128 -8.99 -4.39 -12.84
N LYS A 129 -10.19 -3.90 -12.57
CA LYS A 129 -11.43 -4.60 -12.96
C LYS A 129 -11.48 -4.92 -14.45
N VAL A 130 -10.90 -4.06 -15.27
CA VAL A 130 -10.92 -4.26 -16.72
C VAL A 130 -9.82 -5.21 -17.18
N ASP A 131 -8.81 -5.40 -16.34
CA ASP A 131 -7.70 -6.29 -16.68
C ASP A 131 -8.07 -7.75 -16.39
N ASP A 132 -8.70 -8.39 -17.36
CA ASP A 132 -9.20 -9.74 -17.18
C ASP A 132 -8.08 -10.78 -17.10
N TYR A 133 -6.97 -10.52 -17.78
CA TYR A 133 -5.83 -11.43 -17.73
CA TYR A 133 -5.82 -11.41 -17.73
C TYR A 133 -5.26 -11.52 -16.32
N ALA A 134 -5.08 -10.37 -15.68
CA ALA A 134 -4.57 -10.34 -14.31
C ALA A 134 -5.63 -10.84 -13.35
N LEU A 135 -6.88 -10.47 -13.63
CA LEU A 135 -8.00 -10.80 -12.75
C LEU A 135 -8.21 -12.30 -12.62
N ASP A 136 -8.03 -13.02 -13.73
CA ASP A 136 -8.18 -14.48 -13.70
CA ASP A 136 -8.18 -14.48 -13.70
C ASP A 136 -6.88 -15.14 -13.27
N PHE A 137 -5.78 -14.42 -13.38
CA PHE A 137 -4.50 -14.95 -12.92
C PHE A 137 -4.47 -15.05 -11.40
N TYR A 138 -4.83 -13.96 -10.73
CA TYR A 138 -4.78 -13.92 -9.27
C TYR A 138 -5.76 -14.93 -8.68
N ARG A 139 -6.88 -15.14 -9.37
CA ARG A 139 -7.85 -16.12 -8.93
C ARG A 139 -7.29 -17.53 -9.06
N SER A 140 -6.36 -17.71 -10.00
CA SER A 140 -5.71 -19.00 -10.20
C SER A 140 -4.66 -19.28 -9.12
N THR A 141 -4.31 -18.27 -8.33
CA THR A 141 -3.35 -18.45 -7.25
C THR A 141 -4.06 -18.83 -5.96
N LYS A 142 -5.38 -18.95 -6.03
CA LYS A 142 -6.23 -19.28 -4.88
C LYS A 142 -5.99 -18.38 -3.67
N PRO A 143 -6.38 -17.10 -3.78
CA PRO A 143 -6.25 -16.21 -2.62
C PRO A 143 -7.30 -16.54 -1.57
N THR A 144 -7.06 -16.11 -0.33
CA THR A 144 -7.99 -16.37 0.75
C THR A 144 -9.34 -15.72 0.46
N ALA A 145 -9.30 -14.51 -0.09
CA ALA A 145 -10.53 -13.84 -0.50
C ALA A 145 -10.24 -12.73 -1.50
N GLU A 146 -11.29 -12.30 -2.20
CA GLU A 146 -11.20 -11.16 -3.09
C GLU A 146 -12.34 -10.21 -2.82
N GLU A 147 -12.08 -8.91 -2.96
CA GLU A 147 -13.07 -7.90 -2.69
C GLU A 147 -13.07 -6.83 -3.76
N GLN A 148 -14.26 -6.53 -4.29
CA GLN A 148 -14.38 -5.42 -5.23
C GLN A 148 -14.23 -4.10 -4.48
N VAL A 149 -13.30 -3.27 -4.93
CA VAL A 149 -13.07 -1.99 -4.26
C VAL A 149 -12.85 -0.84 -5.26
N VAL A 150 -12.85 0.38 -4.76
CA VAL A 150 -12.59 1.55 -5.59
C VAL A 150 -11.34 2.29 -5.13
N HIS A 151 -10.43 2.54 -6.08
CA HIS A 151 -9.16 3.20 -5.79
C HIS A 151 -9.20 4.67 -6.19
N PHE A 152 -8.99 5.55 -5.22
CA PHE A 152 -8.92 6.99 -5.48
C PHE A 152 -7.48 7.45 -5.40
N TYR A 153 -7.09 8.42 -6.23
CA TYR A 153 -5.77 9.01 -6.05
C TYR A 153 -5.74 10.51 -6.32
N TYR A 154 -4.84 11.18 -5.60
CA TYR A 154 -4.66 12.62 -5.67
C TYR A 154 -3.29 12.95 -6.25
N THR A 155 -3.25 13.38 -7.51
CA THR A 155 -1.99 13.80 -8.09
C THR A 155 -1.61 15.15 -7.50
N LEU A 156 -0.45 15.20 -6.86
CA LEU A 156 -0.04 16.39 -6.13
C LEU A 156 0.64 17.42 -7.02
N LYS A 157 0.51 18.69 -6.64
CA LYS A 157 1.14 19.77 -7.39
C LYS A 157 2.63 19.85 -7.06
N ILE B 7 -18.02 24.45 15.10
CA ILE B 7 -17.18 23.28 15.26
C ILE B 7 -15.79 23.50 14.66
N ASP B 8 -15.74 24.16 13.51
CA ASP B 8 -14.47 24.40 12.81
C ASP B 8 -13.49 25.18 13.67
N ASN B 9 -14.01 26.15 14.43
CA ASN B 9 -13.18 26.93 15.33
C ASN B 9 -13.03 26.27 16.69
N PHE B 10 -13.42 24.99 16.76
CA PHE B 10 -13.15 24.16 17.93
C PHE B 10 -12.22 23.03 17.53
N LEU B 11 -12.35 22.60 16.28
CA LEU B 11 -11.63 21.44 15.78
C LEU B 11 -10.14 21.72 15.64
N LYS B 12 -9.32 20.70 15.90
CA LYS B 12 -7.90 20.78 15.65
C LYS B 12 -7.44 19.60 14.81
N ILE B 13 -6.82 19.89 13.68
CA ILE B 13 -6.25 18.87 12.81
C ILE B 13 -4.74 18.87 12.96
N GLU B 14 -4.15 17.74 13.31
CA GLU B 14 -2.71 17.70 13.47
C GLU B 14 -2.09 16.37 13.08
N ARG B 15 -0.85 16.44 12.61
CA ARG B 15 -0.05 15.26 12.38
C ARG B 15 0.62 14.89 13.69
N LEU B 16 0.49 13.63 14.08
CA LEU B 16 1.02 13.18 15.36
C LEU B 16 2.54 13.31 15.42
N ALA B 17 3.05 13.63 16.60
CA ALA B 17 4.48 13.73 16.81
C ALA B 17 4.99 12.49 17.54
N GLU B 18 6.29 12.49 17.80
CA GLU B 18 6.98 11.38 18.45
C GLU B 18 6.38 10.98 19.79
N ASN B 19 5.92 11.97 20.56
CA ASN B 19 5.43 11.72 21.91
C ASN B 19 3.92 11.62 21.99
N ASP B 20 3.27 11.29 20.88
CA ASP B 20 1.81 11.25 20.80
C ASP B 20 1.23 9.84 20.79
N LEU B 21 1.89 8.90 21.44
CA LEU B 21 1.35 7.54 21.57
C LEU B 21 -0.05 7.51 22.20
N PRO B 22 -0.33 8.35 23.23
CA PRO B 22 -1.70 8.33 23.76
C PRO B 22 -2.77 8.65 22.69
N LYS B 23 -2.50 9.64 21.84
CA LYS B 23 -3.44 9.97 20.76
C LYS B 23 -3.53 8.84 19.74
N PHE B 24 -2.40 8.20 19.43
CA PHE B 24 -2.36 7.09 18.49
C PHE B 24 -3.26 5.96 18.99
N ILE B 25 -3.13 5.63 20.27
CA ILE B 25 -3.96 4.60 20.87
C ILE B 25 -5.44 4.98 20.81
N GLN B 26 -5.73 6.25 21.09
CA GLN B 26 -7.10 6.75 20.99
C GLN B 26 -7.69 6.55 19.59
N LEU B 27 -6.86 6.79 18.58
CA LEU B 27 -7.30 6.63 17.20
C LEU B 27 -7.53 5.16 16.87
N ILE B 28 -6.64 4.30 17.38
CA ILE B 28 -6.78 2.86 17.18
C ILE B 28 -8.08 2.39 17.82
N ARG B 29 -8.37 2.92 19.00
CA ARG B 29 -9.62 2.58 19.67
C ARG B 29 -10.81 3.09 18.86
N LEU B 30 -10.66 4.25 18.23
CA LEU B 30 -11.72 4.79 17.39
C LEU B 30 -11.97 3.86 16.20
N PHE B 31 -10.87 3.43 15.58
CA PHE B 31 -10.91 2.45 14.50
C PHE B 31 -11.67 1.19 14.94
N GLU B 32 -11.30 0.66 16.10
CA GLU B 32 -11.95 -0.53 16.64
C GLU B 32 -13.46 -0.39 16.72
N ALA B 33 -13.93 0.79 17.12
CA ALA B 33 -15.36 1.03 17.27
C ALA B 33 -16.04 1.28 15.93
N VAL B 34 -15.49 2.18 15.14
CA VAL B 34 -16.06 2.59 13.86
C VAL B 34 -16.10 1.43 12.87
N PHE B 35 -14.99 0.69 12.78
CA PHE B 35 -14.92 -0.44 11.86
C PHE B 35 -15.62 -1.67 12.44
N GLU B 36 -16.05 -1.55 13.69
CA GLU B 36 -16.75 -2.63 14.39
C GLU B 36 -15.93 -3.91 14.41
N MET B 37 -14.68 -3.77 14.82
CA MET B 37 -13.75 -4.90 14.90
C MET B 37 -14.08 -5.81 16.07
N LYS B 38 -14.13 -7.11 15.82
CA LYS B 38 -14.51 -8.09 16.83
C LYS B 38 -13.31 -8.73 17.50
N ASN B 39 -13.40 -8.89 18.82
CA ASN B 39 -12.37 -9.55 19.62
C ASN B 39 -10.96 -8.97 19.38
N PHE B 40 -10.87 -7.65 19.32
CA PHE B 40 -9.61 -6.98 19.09
C PHE B 40 -8.76 -6.92 20.34
N SER B 41 -7.47 -7.17 20.17
CA SER B 41 -6.50 -7.02 21.26
C SER B 41 -5.40 -6.10 20.81
N ILE B 42 -5.27 -4.95 21.47
CA ILE B 42 -4.31 -3.95 21.03
C ILE B 42 -2.88 -4.44 21.29
N PRO B 43 -1.97 -4.22 20.33
CA PRO B 43 -0.56 -4.58 20.53
C PRO B 43 0.05 -3.83 21.71
N ASP B 44 1.17 -4.34 22.23
CA ASP B 44 1.92 -3.68 23.29
C ASP B 44 2.32 -2.27 22.87
N SER B 45 2.45 -1.37 23.84
CA SER B 45 2.74 0.04 23.56
C SER B 45 4.13 0.22 22.96
N GLU B 46 5.06 -0.66 23.31
CA GLU B 46 6.41 -0.58 22.77
C GLU B 46 6.38 -0.78 21.25
N HIS B 47 5.59 -1.74 20.80
CA HIS B 47 5.40 -1.96 19.36
C HIS B 47 4.78 -0.74 18.68
N LEU B 48 3.74 -0.18 19.28
CA LEU B 48 3.04 0.95 18.69
C LEU B 48 3.92 2.20 18.66
N GLN B 49 4.73 2.37 19.68
CA GLN B 49 5.63 3.52 19.75
C GLN B 49 6.66 3.47 18.62
N LYS B 50 7.22 2.28 18.41
CA LYS B 50 8.22 2.11 17.36
C LYS B 50 7.60 2.34 15.98
N LEU B 51 6.36 1.88 15.79
CA LEU B 51 5.67 2.09 14.52
C LEU B 51 5.45 3.59 14.31
N LEU B 52 4.97 4.27 15.35
CA LEU B 52 4.69 5.69 15.24
C LEU B 52 5.94 6.45 14.83
N ASN B 53 7.09 6.03 15.37
CA ASN B 53 8.35 6.72 15.13
C ASN B 53 8.99 6.39 13.78
N GLN B 54 8.39 5.50 13.00
CA GLN B 54 8.92 5.17 11.68
C GLN B 54 8.83 6.38 10.76
N ASN B 55 9.88 6.60 9.98
CA ASN B 55 9.97 7.74 9.05
C ASN B 55 9.12 7.55 7.80
N ASN B 56 8.44 6.42 7.70
CA ASN B 56 7.59 6.12 6.55
C ASN B 56 6.14 5.88 6.94
N PHE B 57 5.79 6.32 8.15
CA PHE B 57 4.45 6.16 8.68
C PHE B 57 4.02 7.45 9.38
N TYR B 58 2.91 8.02 8.94
CA TYR B 58 2.41 9.26 9.55
C TYR B 58 0.92 9.19 9.81
N VAL B 59 0.54 9.71 10.97
CA VAL B 59 -0.83 9.69 11.45
C VAL B 59 -1.38 11.10 11.56
N PHE B 60 -2.59 11.31 11.07
CA PHE B 60 -3.25 12.60 11.19
C PHE B 60 -4.53 12.41 11.98
N VAL B 61 -4.78 13.28 12.94
CA VAL B 61 -5.98 13.17 13.77
C VAL B 61 -6.77 14.45 13.79
N ALA B 62 -8.05 14.31 14.13
CA ALA B 62 -8.92 15.46 14.38
C ALA B 62 -9.25 15.46 15.87
N LEU B 63 -9.12 16.62 16.49
CA LEU B 63 -9.31 16.73 17.94
C LEU B 63 -10.35 17.73 18.38
N LEU B 64 -11.09 17.36 19.42
CA LEU B 64 -11.90 18.28 20.21
C LEU B 64 -11.43 18.16 21.66
N GLU B 65 -10.80 19.23 22.16
CA GLU B 65 -10.07 19.24 23.43
C GLU B 65 -9.02 18.10 23.43
N ASN B 66 -9.28 17.00 24.13
CA ASN B 66 -8.34 15.89 24.20
C ASN B 66 -8.85 14.70 23.41
N LYS B 67 -10.09 14.79 22.95
CA LYS B 67 -10.72 13.64 22.32
C LYS B 67 -10.50 13.60 20.81
N ILE B 68 -9.90 12.51 20.36
CA ILE B 68 -9.82 12.19 18.95
C ILE B 68 -11.23 11.91 18.45
N VAL B 69 -11.66 12.66 17.44
CA VAL B 69 -12.97 12.43 16.84
C VAL B 69 -12.82 11.91 15.41
N GLY B 70 -11.57 11.80 14.97
CA GLY B 70 -11.29 11.24 13.66
C GLY B 70 -9.80 11.15 13.40
N GLY B 71 -9.43 10.33 12.42
CA GLY B 71 -8.04 10.23 12.04
C GLY B 71 -7.80 9.36 10.83
N LEU B 72 -6.58 9.42 10.32
CA LEU B 72 -6.18 8.53 9.23
C LEU B 72 -4.73 8.12 9.43
N THR B 73 -4.36 7.01 8.81
CA THR B 73 -2.99 6.50 8.87
C THR B 73 -2.44 6.46 7.44
N SER B 74 -1.16 6.74 7.30
CA SER B 74 -0.57 6.80 5.95
C SER B 74 0.81 6.20 5.93
N TYR B 75 1.13 5.51 4.83
CA TYR B 75 2.43 4.86 4.67
C TYR B 75 3.15 5.48 3.48
N VAL B 76 4.42 5.80 3.65
CA VAL B 76 5.24 6.29 2.54
C VAL B 76 5.73 5.09 1.73
N LEU B 77 5.53 5.16 0.42
CA LEU B 77 6.06 4.13 -0.48
C LEU B 77 7.04 4.77 -1.45
N GLU B 78 8.33 4.51 -1.24
CA GLU B 78 9.36 5.01 -2.14
C GLU B 78 9.22 4.30 -3.49
N GLN B 79 9.27 5.08 -4.57
CA GLN B 79 9.03 4.57 -5.92
C GLN B 79 10.31 4.21 -6.66
N TYR B 80 10.19 3.31 -7.63
CA TYR B 80 11.29 3.03 -8.57
C TYR B 80 11.02 3.65 -9.94
N TYR B 81 9.82 4.22 -10.12
CA TYR B 81 9.49 4.93 -11.36
C TYR B 81 9.88 6.40 -11.27
N SER B 82 10.08 6.88 -10.05
CA SER B 82 10.34 8.29 -9.81
C SER B 82 11.03 8.47 -8.47
N GLU B 83 11.74 9.59 -8.31
CA GLU B 83 12.32 9.91 -7.02
C GLU B 83 11.28 10.53 -6.08
N LYS B 84 10.09 10.82 -6.61
CA LYS B 84 8.99 11.34 -5.79
C LYS B 84 8.15 10.19 -5.24
N PRO B 85 8.14 10.02 -3.91
CA PRO B 85 7.44 8.89 -3.29
C PRO B 85 5.92 8.95 -3.45
N LEU B 86 5.27 7.84 -3.14
CA LEU B 86 3.82 7.79 -3.00
C LEU B 86 3.46 7.74 -1.53
N ALA B 87 2.24 8.17 -1.21
CA ALA B 87 1.67 7.97 0.12
C ALA B 87 0.38 7.17 0.02
N TYR B 88 0.25 6.16 0.88
CA TYR B 88 -0.89 5.28 0.90
C TYR B 88 -1.69 5.49 2.19
N ILE B 89 -2.90 6.04 2.07
CA ILE B 89 -3.80 6.15 3.22
C ILE B 89 -4.43 4.79 3.46
N TYR B 90 -4.13 4.18 4.61
CA TYR B 90 -4.57 2.82 4.88
C TYR B 90 -5.94 2.77 5.55
N ASP B 91 -6.08 3.50 6.66
CA ASP B 91 -7.36 3.60 7.36
C ASP B 91 -7.77 5.05 7.50
N LEU B 92 -9.08 5.30 7.41
CA LEU B 92 -9.65 6.61 7.74
C LEU B 92 -10.98 6.42 8.44
N ALA B 93 -11.15 7.06 9.59
CA ALA B 93 -12.42 6.97 10.30
C ALA B 93 -12.78 8.28 10.97
N VAL B 94 -14.08 8.53 11.06
CA VAL B 94 -14.60 9.65 11.83
C VAL B 94 -15.64 9.12 12.81
N ASP B 95 -15.61 9.64 14.03
CA ASP B 95 -16.60 9.31 15.05
C ASP B 95 -18.01 9.40 14.47
N THR B 96 -18.80 8.36 14.72
CA THR B 96 -20.11 8.23 14.08
C THR B 96 -21.06 9.36 14.44
N ASN B 97 -20.83 10.00 15.58
CA ASN B 97 -21.65 11.14 15.99
C ASN B 97 -21.15 12.46 15.41
N TRP B 98 -20.02 12.40 14.70
CA TRP B 98 -19.41 13.59 14.11
C TRP B 98 -19.22 13.47 12.61
N GLN B 99 -19.76 12.41 12.03
CA GLN B 99 -19.54 12.14 10.62
C GLN B 99 -20.20 13.17 9.71
N ARG B 100 -19.49 13.51 8.62
CA ARG B 100 -19.96 14.43 7.60
C ARG B 100 -20.21 15.84 8.13
N GLN B 101 -19.23 16.40 8.83
CA GLN B 101 -19.26 17.79 9.25
C GLN B 101 -17.95 18.48 8.85
N GLY B 102 -17.29 17.93 7.84
CA GLY B 102 -16.08 18.52 7.30
C GLY B 102 -14.80 17.94 7.88
N ILE B 103 -14.94 17.11 8.91
CA ILE B 103 -13.78 16.54 9.59
C ILE B 103 -12.92 15.67 8.67
N GLY B 104 -13.56 14.75 7.95
CA GLY B 104 -12.86 13.89 7.02
C GLY B 104 -12.19 14.67 5.91
N LYS B 105 -12.85 15.72 5.42
CA LYS B 105 -12.29 16.56 4.36
C LYS B 105 -11.05 17.29 4.85
N LYS B 106 -11.11 17.78 6.08
CA LYS B 106 -9.98 18.48 6.68
C LYS B 106 -8.78 17.54 6.88
N LEU B 107 -9.06 16.29 7.22
CA LEU B 107 -8.01 15.30 7.38
C LEU B 107 -7.31 15.02 6.05
N ILE B 108 -8.10 14.87 4.99
CA ILE B 108 -7.53 14.61 3.67
C ILE B 108 -6.72 15.82 3.18
N THR B 109 -7.27 17.01 3.37
CA THR B 109 -6.60 18.25 2.98
C THR B 109 -5.25 18.41 3.68
N ALA B 110 -5.22 18.15 4.99
CA ALA B 110 -3.99 18.25 5.76
C ALA B 110 -2.93 17.24 5.28
N THR B 111 -3.39 16.02 5.04
CA THR B 111 -2.51 14.94 4.63
C THR B 111 -1.88 15.25 3.27
N ASN B 112 -2.72 15.61 2.31
CA ASN B 112 -2.22 15.90 0.98
C ASN B 112 -1.31 17.12 0.95
N GLN B 113 -1.60 18.12 1.78
CA GLN B 113 -0.74 19.29 1.90
C GLN B 113 0.65 18.88 2.41
N PHE B 114 0.66 18.01 3.43
CA PHE B 114 1.90 17.51 4.00
C PHE B 114 2.77 16.83 2.94
N TYR B 115 2.16 15.92 2.20
CA TYR B 115 2.92 15.17 1.19
C TYR B 115 3.23 16.02 -0.05
N THR B 116 2.39 17.02 -0.33
CA THR B 116 2.69 17.95 -1.43
C THR B 116 3.94 18.76 -1.11
N GLU B 117 4.01 19.28 0.12
CA GLU B 117 5.19 20.01 0.59
C GLU B 117 6.45 19.15 0.51
N LYS B 118 6.32 17.87 0.80
CA LYS B 118 7.47 16.98 0.76
C LYS B 118 7.82 16.53 -0.66
N GLY B 119 7.02 16.95 -1.64
CA GLY B 119 7.32 16.69 -3.04
C GLY B 119 6.96 15.31 -3.53
N PHE B 120 5.92 14.72 -2.91
CA PHE B 120 5.42 13.41 -3.31
C PHE B 120 4.70 13.49 -4.65
N GLU B 121 4.62 12.36 -5.37
CA GLU B 121 3.94 12.35 -6.65
C GLU B 121 2.42 12.29 -6.48
N GLU B 122 1.96 11.43 -5.58
CA GLU B 122 0.53 11.29 -5.35
C GLU B 122 0.21 10.54 -4.06
N VAL B 123 -1.02 10.73 -3.59
CA VAL B 123 -1.55 10.03 -2.43
C VAL B 123 -2.74 9.21 -2.91
N PHE B 124 -2.88 7.98 -2.45
CA PHE B 124 -4.04 7.19 -2.86
C PHE B 124 -4.67 6.47 -1.68
N VAL B 125 -5.92 6.06 -1.89
CA VAL B 125 -6.74 5.50 -0.83
C VAL B 125 -7.81 4.59 -1.45
N GLN B 126 -8.24 3.58 -0.72
CA GLN B 126 -9.24 2.69 -1.24
C GLN B 126 -10.49 2.62 -0.39
N ALA B 127 -11.59 2.31 -1.04
CA ALA B 127 -12.89 2.14 -0.37
C ALA B 127 -13.63 0.93 -0.94
N ASP B 128 -14.35 0.22 -0.09
CA ASP B 128 -15.13 -0.94 -0.52
C ASP B 128 -16.25 -0.55 -1.49
N LYS B 129 -16.49 -1.40 -2.48
CA LYS B 129 -17.54 -1.18 -3.47
C LYS B 129 -18.91 -0.95 -2.83
N VAL B 130 -19.16 -1.62 -1.71
CA VAL B 130 -20.47 -1.58 -1.07
C VAL B 130 -20.60 -0.45 -0.05
N ASP B 131 -19.48 0.21 0.24
CA ASP B 131 -19.47 1.28 1.24
C ASP B 131 -19.77 2.63 0.59
N ASP B 132 -21.03 2.89 0.28
CA ASP B 132 -21.38 4.11 -0.43
C ASP B 132 -21.21 5.34 0.46
N TYR B 133 -21.23 5.14 1.78
CA TYR B 133 -20.82 6.19 2.71
C TYR B 133 -19.41 6.66 2.35
N ALA B 134 -18.48 5.72 2.36
CA ALA B 134 -17.08 6.03 2.12
C ALA B 134 -16.87 6.47 0.68
N LEU B 135 -17.56 5.80 -0.25
CA LEU B 135 -17.35 6.01 -1.67
C LEU B 135 -17.58 7.46 -2.09
N ASP B 136 -18.62 8.08 -1.54
CA ASP B 136 -18.96 9.43 -1.99
C ASP B 136 -18.43 10.47 -1.01
N PHE B 137 -17.84 10.01 0.09
CA PHE B 137 -17.02 10.90 0.91
C PHE B 137 -15.78 11.26 0.13
N TYR B 138 -15.05 10.22 -0.30
CA TYR B 138 -13.82 10.41 -1.04
C TYR B 138 -14.11 11.16 -2.33
N ARG B 139 -15.30 10.94 -2.89
CA ARG B 139 -15.67 11.67 -4.10
C ARG B 139 -15.89 13.14 -3.79
N SER B 140 -16.31 13.44 -2.57
CA SER B 140 -16.53 14.83 -2.17
C SER B 140 -15.20 15.56 -1.93
N THR B 141 -14.10 14.82 -1.86
CA THR B 141 -12.79 15.41 -1.63
C THR B 141 -12.11 15.80 -2.95
N LYS B 142 -12.81 15.56 -4.06
CA LYS B 142 -12.31 15.86 -5.40
C LYS B 142 -10.96 15.20 -5.69
N PRO B 143 -10.93 13.86 -5.75
CA PRO B 143 -9.67 13.22 -6.11
C PRO B 143 -9.37 13.40 -7.60
N THR B 144 -8.10 13.27 -7.97
CA THR B 144 -7.71 13.44 -9.37
C THR B 144 -8.40 12.39 -10.25
N ALA B 145 -8.51 11.16 -9.73
CA ALA B 145 -9.22 10.11 -10.46
C ALA B 145 -9.61 8.96 -9.53
N GLU B 146 -10.68 8.28 -9.89
CA GLU B 146 -11.08 7.06 -9.19
C GLU B 146 -11.07 5.90 -10.17
N GLU B 147 -10.97 4.69 -9.65
CA GLU B 147 -10.87 3.53 -10.52
C GLU B 147 -11.37 2.23 -9.88
N GLN B 148 -12.15 1.48 -10.66
CA GLN B 148 -12.66 0.20 -10.21
C GLN B 148 -11.56 -0.85 -10.15
N VAL B 149 -11.37 -1.46 -8.98
CA VAL B 149 -10.34 -2.46 -8.82
C VAL B 149 -10.81 -3.65 -7.99
N VAL B 150 -10.02 -4.72 -8.01
CA VAL B 150 -10.32 -5.90 -7.21
C VAL B 150 -9.15 -6.18 -6.27
N HIS B 151 -9.46 -6.24 -4.97
CA HIS B 151 -8.47 -6.49 -3.94
C HIS B 151 -8.40 -7.99 -3.61
N PHE B 152 -7.22 -8.56 -3.77
CA PHE B 152 -6.98 -9.96 -3.40
C PHE B 152 -6.09 -10.02 -2.18
N TYR B 153 -6.38 -10.92 -1.24
CA TYR B 153 -5.45 -11.11 -0.14
C TYR B 153 -5.27 -12.56 0.25
N TYR B 154 -4.10 -12.83 0.81
CA TYR B 154 -3.68 -14.17 1.18
C TYR B 154 -3.40 -14.22 2.66
N THR B 155 -4.27 -14.87 3.42
CA THR B 155 -4.03 -15.03 4.85
C THR B 155 -2.96 -16.08 5.07
N LEU B 156 -1.87 -15.70 5.74
CA LEU B 156 -0.74 -16.59 5.88
C LEU B 156 -0.86 -17.48 7.12
N LYS B 157 -0.23 -18.65 7.05
CA LYS B 157 -0.28 -19.61 8.14
C LYS B 157 0.78 -19.30 9.20
#